data_2Y07
#
_entry.id   2Y07
#
_cell.length_a   54.359
_cell.length_b   60.829
_cell.length_c   111.724
_cell.angle_alpha   90.00
_cell.angle_beta   94.79
_cell.angle_gamma   90.00
#
_symmetry.space_group_name_H-M   'C 1 2 1'
#
loop_
_entity.id
_entity.type
_entity.pdbx_description
1 polymer 'ANTI-NP MURINE GERMLINE MONOCLONAL ANTIBODY BBE6.12H3, HEAVY CHAIN'
2 polymer 'ANTI-NP MURINE GERMLINE MONOCLONAL ANTIBODY BBE6.12H3, LIGHT CHAIN'
3 polymer 'PHAGE DISPLAY DERIVED ANTIGEN'
4 water water
#
loop_
_entity_poly.entity_id
_entity_poly.type
_entity_poly.pdbx_seq_one_letter_code
_entity_poly.pdbx_strand_id
1 'polypeptide(L)'
;QVQLQQPGAELVKPGASVKLSCKASGYTFTSYWMHWVKQRPGRGLEWIGRIDPNSGGTAYNEKFKSKATLTVDKPSSTAY
MALSSLTSADSAVYYCARYDYYGGSYFDYWGQGTTLTVSSGGTTPPSVYPLAPGSAAQTNSMVTLGCLVKGYFPEPVTVT
WNSGSLSSGVHTFPAVLQSDLYTLSSSVTVPSSPWPSETVTCNVAHPASSTAVDKAIVPR
;
H
2 'polypeptide(L)'
;QAVVTQESALTTSPGETVTLTCRSSTGAVTTSNYANWVQEKPDHLFTGLIGGTNNRAPGVPARFSGSLIGDKAALTITGG
QTEDEAIYFCALWYSNHWVFGGGTALTVLGQPKSSPSVTLFPPSSEELETNTATLVCTITDFYPGVVTVDWTVDGTPVTQ
GMETTQPSKQSNNKYMASSYLTLTAAAWERHSSYSCQVTHEGHTVEKSLSR
;
L
3 'polypeptide(L)' PPYPAWHAPGNI P
#
# COMPACT_ATOMS: atom_id res chain seq x y z
N GLN A 1 -24.68 -8.99 0.68
CA GLN A 1 -23.30 -8.52 0.36
C GLN A 1 -23.31 -7.30 -0.56
N VAL A 2 -22.90 -6.17 -0.01
CA VAL A 2 -22.84 -4.91 -0.74
C VAL A 2 -21.44 -4.79 -1.34
N GLN A 3 -21.36 -4.42 -2.61
CA GLN A 3 -20.07 -4.32 -3.29
C GLN A 3 -20.00 -3.10 -4.24
N LEU A 4 -18.78 -2.65 -4.51
CA LEU A 4 -18.52 -1.55 -5.42
C LEU A 4 -17.29 -1.97 -6.20
N GLN A 5 -17.43 -2.15 -7.52
CA GLN A 5 -16.28 -2.56 -8.33
C GLN A 5 -15.72 -1.40 -9.13
N GLN A 6 -14.40 -1.26 -9.12
CA GLN A 6 -13.73 -0.21 -9.88
C GLN A 6 -12.54 -0.85 -10.58
N PRO A 7 -12.17 -0.32 -11.75
CA PRO A 7 -11.03 -0.87 -12.48
C PRO A 7 -9.81 -0.78 -11.54
N GLY A 8 -8.90 -1.76 -11.62
CA GLY A 8 -7.74 -1.73 -10.75
C GLY A 8 -6.64 -0.78 -11.18
N ALA A 9 -6.53 -0.58 -12.49
CA ALA A 9 -5.51 0.31 -13.00
C ALA A 9 -5.89 0.94 -14.32
N GLU A 10 -5.36 2.14 -14.55
CA GLU A 10 -5.60 2.86 -15.79
C GLU A 10 -4.38 3.73 -16.09
N LEU A 11 -3.86 3.55 -17.30
CA LEU A 11 -2.70 4.30 -17.73
C LEU A 11 -3.23 5.36 -18.68
N VAL A 12 -2.92 6.62 -18.36
CA VAL A 12 -3.37 7.73 -19.19
C VAL A 12 -2.25 8.74 -19.32
N LYS A 13 -2.29 9.51 -20.41
CA LYS A 13 -1.27 10.51 -20.73
C LYS A 13 -1.57 11.90 -20.21
N PRO A 14 -0.53 12.60 -19.73
CA PRO A 14 -0.58 13.96 -19.18
C PRO A 14 -1.33 14.89 -20.11
N GLY A 15 -2.31 15.61 -19.59
CA GLY A 15 -3.07 16.55 -20.41
C GLY A 15 -4.33 15.95 -20.99
N ALA A 16 -4.67 14.74 -20.58
CA ALA A 16 -5.88 14.07 -21.06
C ALA A 16 -6.86 13.93 -19.89
N SER A 17 -8.02 13.32 -20.16
CA SER A 17 -9.04 13.12 -19.13
C SER A 17 -9.30 11.61 -18.98
N VAL A 18 -9.78 11.22 -17.81
CA VAL A 18 -10.11 9.83 -17.57
C VAL A 18 -11.47 9.83 -16.92
N LYS A 19 -12.19 8.75 -17.16
CA LYS A 19 -13.51 8.64 -16.57
C LYS A 19 -13.50 7.35 -15.79
N LEU A 20 -13.35 7.46 -14.47
CA LEU A 20 -13.30 6.31 -13.59
C LEU A 20 -14.70 5.86 -13.20
N SER A 21 -14.94 4.55 -13.32
CA SER A 21 -16.23 3.99 -13.01
C SER A 21 -16.19 3.27 -11.68
N CYS A 22 -17.35 3.24 -11.03
CA CYS A 22 -17.53 2.61 -9.73
C CYS A 22 -18.91 1.97 -9.69
N LYS A 23 -18.97 0.73 -10.15
CA LYS A 23 -20.20 -0.05 -10.22
C LYS A 23 -20.70 -0.44 -8.82
N ALA A 24 -21.94 -0.12 -8.51
CA ALA A 24 -22.53 -0.45 -7.23
C ALA A 24 -23.53 -1.59 -7.39
N SER A 25 -23.77 -2.33 -6.31
CA SER A 25 -24.73 -3.43 -6.37
C SER A 25 -24.89 -4.02 -4.99
N GLY A 26 -26.07 -4.58 -4.71
CA GLY A 26 -26.32 -5.17 -3.41
C GLY A 26 -27.25 -4.28 -2.59
N TYR A 27 -27.77 -3.26 -3.22
CA TYR A 27 -28.69 -2.34 -2.56
C TYR A 27 -29.33 -1.41 -3.57
N THR A 28 -30.12 -0.46 -3.05
CA THR A 28 -30.78 0.53 -3.89
C THR A 28 -29.83 1.68 -4.06
N PHE A 29 -29.28 1.76 -5.26
CA PHE A 29 -28.32 2.77 -5.66
C PHE A 29 -28.68 4.21 -5.28
N THR A 30 -29.95 4.58 -5.35
CA THR A 30 -30.34 5.96 -5.04
C THR A 30 -30.56 6.36 -3.58
N SER A 31 -30.37 5.43 -2.64
CA SER A 31 -30.58 5.75 -1.23
C SER A 31 -29.30 6.03 -0.43
N TYR A 32 -28.16 5.99 -1.10
CA TYR A 32 -26.89 6.23 -0.43
C TYR A 32 -26.05 7.20 -1.24
N TRP A 33 -25.25 8.01 -0.55
CA TRP A 33 -24.39 8.97 -1.23
C TRP A 33 -23.12 8.28 -1.65
N MET A 34 -22.45 8.83 -2.67
CA MET A 34 -21.20 8.26 -3.14
C MET A 34 -20.08 9.31 -3.06
N HIS A 35 -19.00 8.97 -2.36
CA HIS A 35 -17.86 9.86 -2.18
C HIS A 35 -16.61 9.30 -2.85
N TRP A 36 -15.68 10.19 -3.20
CA TRP A 36 -14.43 9.79 -3.85
C TRP A 36 -13.25 10.33 -3.05
N VAL A 37 -12.25 9.50 -2.83
CA VAL A 37 -11.07 9.85 -2.05
C VAL A 37 -9.81 9.68 -2.89
N LYS A 38 -8.82 10.53 -2.66
CA LYS A 38 -7.55 10.46 -3.40
C LYS A 38 -6.44 10.05 -2.44
N GLN A 39 -5.65 9.06 -2.84
CA GLN A 39 -4.56 8.58 -2.01
C GLN A 39 -3.21 8.49 -2.73
N ARG A 40 -2.20 9.08 -2.12
CA ARG A 40 -0.83 9.04 -2.63
C ARG A 40 -0.02 8.69 -1.38
N PRO A 41 0.81 7.63 -1.44
CA PRO A 41 1.56 7.33 -0.22
C PRO A 41 2.41 8.46 0.33
N GLY A 42 2.26 8.70 1.64
CA GLY A 42 2.99 9.77 2.30
C GLY A 42 2.05 10.97 2.49
N ARG A 43 0.94 10.93 1.74
CA ARG A 43 -0.04 12.01 1.75
C ARG A 43 -1.40 11.65 2.35
N GLY A 44 -1.50 10.52 3.02
CA GLY A 44 -2.77 10.12 3.59
C GLY A 44 -3.87 10.12 2.55
N LEU A 45 -5.10 10.37 2.98
CA LEU A 45 -6.25 10.40 2.08
C LEU A 45 -6.74 11.83 1.90
N GLU A 46 -7.37 12.07 0.76
CA GLU A 46 -7.88 13.39 0.42
C GLU A 46 -9.28 13.25 -0.17
N TRP A 47 -10.25 13.85 0.51
CA TRP A 47 -11.66 13.85 0.08
C TRP A 47 -11.82 14.82 -1.10
N ILE A 48 -12.33 14.28 -2.20
CA ILE A 48 -12.52 15.04 -3.43
C ILE A 48 -13.91 15.65 -3.55
N GLY A 49 -14.92 14.81 -3.34
CA GLY A 49 -16.28 15.28 -3.42
C GLY A 49 -17.28 14.20 -3.05
N ARG A 50 -18.55 14.52 -3.26
CA ARG A 50 -19.64 13.63 -2.95
C ARG A 50 -20.73 13.85 -3.98
N ILE A 51 -21.53 12.81 -4.22
CA ILE A 51 -22.63 12.94 -5.14
C ILE A 51 -23.77 12.15 -4.55
N ASP A 52 -24.99 12.49 -4.95
CA ASP A 52 -26.18 11.73 -4.59
C ASP A 52 -26.90 11.30 -5.85
N PRO A 53 -27.32 10.04 -5.88
CA PRO A 53 -27.78 9.43 -7.13
C PRO A 53 -28.99 10.19 -7.66
N ASN A 54 -29.88 10.59 -6.75
CA ASN A 54 -31.16 11.18 -7.15
C ASN A 54 -31.04 12.58 -7.78
N SER A 55 -30.63 13.54 -6.98
CA SER A 55 -30.46 14.90 -7.45
C SER A 55 -29.33 14.97 -8.47
N GLY A 56 -28.22 14.32 -8.12
CA GLY A 56 -27.04 14.38 -8.97
C GLY A 56 -26.32 15.56 -8.36
N GLY A 57 -26.94 16.07 -7.29
CA GLY A 57 -26.41 17.20 -6.56
C GLY A 57 -25.08 16.90 -5.91
N THR A 58 -24.09 17.74 -6.19
CA THR A 58 -22.76 17.55 -5.65
C THR A 58 -22.28 18.57 -4.63
N ALA A 59 -21.22 18.16 -3.95
CA ALA A 59 -20.53 18.97 -2.94
C ALA A 59 -19.09 18.60 -3.24
N TYR A 60 -18.32 19.56 -3.75
CA TYR A 60 -16.93 19.31 -4.08
C TYR A 60 -15.97 19.88 -3.07
N ASN A 61 -14.89 19.15 -2.81
CA ASN A 61 -13.86 19.68 -1.92
C ASN A 61 -13.35 20.85 -2.79
N GLU A 62 -13.28 22.05 -2.23
CA GLU A 62 -12.83 23.20 -3.02
C GLU A 62 -11.53 23.06 -3.83
N LYS A 63 -10.62 22.20 -3.39
CA LYS A 63 -9.35 21.99 -4.10
C LYS A 63 -9.49 21.18 -5.39
N PHE A 64 -10.61 20.47 -5.50
CA PHE A 64 -10.87 19.64 -6.67
C PHE A 64 -12.10 20.14 -7.44
N LYS A 65 -12.56 21.35 -7.11
CA LYS A 65 -13.75 21.93 -7.73
C LYS A 65 -13.79 21.95 -9.26
N SER A 66 -12.64 22.15 -9.90
CA SER A 66 -12.57 22.21 -11.35
C SER A 66 -11.70 21.11 -11.95
N LYS A 67 -11.21 20.24 -11.07
CA LYS A 67 -10.36 19.13 -11.49
C LYS A 67 -11.22 17.88 -11.66
N ALA A 68 -12.17 17.70 -10.75
CA ALA A 68 -13.03 16.53 -10.80
C ALA A 68 -14.47 16.88 -11.14
N THR A 69 -15.19 15.87 -11.63
CA THR A 69 -16.59 15.98 -12.00
C THR A 69 -17.26 14.67 -11.64
N LEU A 70 -18.12 14.71 -10.63
CA LEU A 70 -18.84 13.52 -10.20
C LEU A 70 -20.11 13.39 -11.04
N THR A 71 -20.48 12.17 -11.37
CA THR A 71 -21.66 11.94 -12.18
C THR A 71 -22.11 10.51 -11.94
N VAL A 72 -23.38 10.20 -12.21
CA VAL A 72 -23.89 8.83 -12.05
C VAL A 72 -24.81 8.42 -13.20
N ASP A 73 -25.01 7.10 -13.32
CA ASP A 73 -25.90 6.54 -14.32
C ASP A 73 -26.81 5.55 -13.62
N LYS A 74 -28.06 5.95 -13.37
CA LYS A 74 -29.06 5.13 -12.68
C LYS A 74 -29.29 3.72 -13.22
N PRO A 75 -29.64 3.57 -14.51
CA PRO A 75 -29.85 2.21 -14.98
C PRO A 75 -28.68 1.23 -14.70
N SER A 76 -27.44 1.63 -14.99
CA SER A 76 -26.31 0.73 -14.75
C SER A 76 -25.90 0.72 -13.28
N SER A 77 -26.40 1.68 -12.51
CA SER A 77 -26.08 1.77 -11.08
C SER A 77 -24.60 2.04 -10.81
N THR A 78 -23.97 2.88 -11.62
CA THR A 78 -22.57 3.14 -11.38
C THR A 78 -22.26 4.63 -11.27
N ALA A 79 -21.34 4.96 -10.35
CA ALA A 79 -20.91 6.34 -10.12
C ALA A 79 -19.68 6.63 -10.97
N TYR A 80 -19.53 7.87 -11.42
CA TYR A 80 -18.40 8.26 -12.24
C TYR A 80 -17.71 9.50 -11.73
N MET A 81 -16.39 9.54 -11.92
CA MET A 81 -15.60 10.70 -11.56
C MET A 81 -14.66 10.98 -12.72
N ALA A 82 -14.79 12.14 -13.32
CA ALA A 82 -13.93 12.48 -14.45
C ALA A 82 -12.87 13.49 -14.00
N LEU A 83 -11.61 13.15 -14.25
CA LEU A 83 -10.51 14.04 -13.90
C LEU A 83 -10.23 14.72 -15.23
N SER A 84 -10.04 16.05 -15.24
CA SER A 84 -9.84 16.73 -16.52
C SER A 84 -8.45 17.02 -17.07
N SER A 85 -7.79 18.10 -16.65
CA SER A 85 -6.47 18.33 -17.24
C SER A 85 -5.42 17.61 -16.43
N LEU A 86 -5.27 16.32 -16.74
CA LEU A 86 -4.36 15.43 -16.05
C LEU A 86 -2.87 15.73 -16.17
N THR A 87 -2.15 15.63 -15.04
CA THR A 87 -0.72 15.84 -15.03
C THR A 87 -0.12 14.86 -14.03
N SER A 88 1.22 14.85 -13.90
CA SER A 88 1.89 13.94 -12.97
C SER A 88 1.39 14.01 -11.53
N ALA A 89 0.74 15.12 -11.18
CA ALA A 89 0.23 15.29 -9.82
C ALA A 89 -1.11 14.58 -9.59
N ASP A 90 -1.68 14.03 -10.66
CA ASP A 90 -2.96 13.33 -10.57
C ASP A 90 -2.78 11.82 -10.50
N SER A 91 -1.53 11.38 -10.48
CA SER A 91 -1.26 9.94 -10.36
C SER A 91 -1.51 9.59 -8.87
N ALA A 92 -2.50 8.75 -8.64
CA ALA A 92 -2.86 8.34 -7.29
C ALA A 92 -3.88 7.20 -7.36
N VAL A 93 -4.33 6.74 -6.20
CA VAL A 93 -5.34 5.69 -6.16
C VAL A 93 -6.64 6.43 -5.86
N TYR A 94 -7.68 6.13 -6.63
CA TYR A 94 -8.99 6.77 -6.48
C TYR A 94 -10.07 5.79 -6.05
N TYR A 95 -10.59 6.02 -4.84
CA TYR A 95 -11.63 5.18 -4.25
C TYR A 95 -13.00 5.84 -4.25
N CYS A 96 -14.02 4.99 -4.31
CA CYS A 96 -15.40 5.43 -4.22
C CYS A 96 -15.87 4.80 -2.92
N ALA A 97 -16.64 5.55 -2.16
CA ALA A 97 -17.12 5.01 -0.92
C ALA A 97 -18.55 5.44 -0.72
N ARG A 98 -19.36 4.51 -0.24
CA ARG A 98 -20.77 4.75 0.01
C ARG A 98 -20.95 5.35 1.42
N TYR A 99 -21.97 6.18 1.58
CA TYR A 99 -22.23 6.83 2.86
C TYR A 99 -23.74 6.88 3.07
N ASP A 100 -24.22 6.46 4.24
CA ASP A 100 -25.67 6.51 4.53
C ASP A 100 -25.93 7.75 5.38
N TYR A 101 -27.08 8.40 5.14
CA TYR A 101 -27.41 9.66 5.80
C TYR A 101 -28.83 9.74 6.36
N TYR A 102 -29.65 8.71 6.13
CA TYR A 102 -31.03 8.73 6.64
C TYR A 102 -31.45 7.38 7.25
N GLY A 103 -31.04 7.19 8.50
CA GLY A 103 -31.28 5.97 9.24
C GLY A 103 -30.02 5.56 9.97
N GLY A 104 -28.92 6.30 9.72
CA GLY A 104 -27.63 6.04 10.36
C GLY A 104 -26.62 7.20 10.34
N SER A 105 -25.86 7.31 9.24
CA SER A 105 -24.84 8.36 8.99
C SER A 105 -23.35 7.98 9.21
N TYR A 106 -22.69 7.56 8.13
CA TYR A 106 -21.27 7.14 8.10
C TYR A 106 -20.82 6.59 6.73
N PHE A 107 -19.53 6.26 6.59
CA PHE A 107 -18.95 5.78 5.32
C PHE A 107 -19.07 4.31 4.88
N ASP A 108 -19.55 3.42 5.74
CA ASP A 108 -19.66 1.97 5.42
C ASP A 108 -18.84 1.28 4.31
N TYR A 109 -19.39 1.16 3.11
CA TYR A 109 -18.74 0.42 2.00
C TYR A 109 -17.80 1.14 1.02
N TRP A 110 -16.63 0.53 0.78
CA TRP A 110 -15.58 1.05 -0.11
C TRP A 110 -15.17 0.10 -1.24
N GLY A 111 -14.90 0.66 -2.41
CA GLY A 111 -14.45 -0.15 -3.53
C GLY A 111 -12.96 -0.27 -3.32
N GLN A 112 -12.27 -1.08 -4.12
CA GLN A 112 -10.83 -1.26 -3.94
C GLN A 112 -9.97 -0.16 -4.58
N GLY A 113 -10.62 0.74 -5.30
CA GLY A 113 -9.89 1.83 -5.91
C GLY A 113 -9.14 1.51 -7.19
N THR A 114 -8.98 2.54 -8.01
CA THR A 114 -8.29 2.44 -9.27
C THR A 114 -6.98 3.22 -9.15
N THR A 115 -5.85 2.56 -9.38
CA THR A 115 -4.59 3.26 -9.32
C THR A 115 -4.42 3.93 -10.68
N LEU A 116 -4.43 5.26 -10.67
CA LEU A 116 -4.26 6.03 -11.89
C LEU A 116 -2.80 6.41 -12.00
N THR A 117 -2.22 6.15 -13.17
CA THR A 117 -0.83 6.50 -13.44
C THR A 117 -0.83 7.41 -14.66
N VAL A 118 -0.56 8.70 -14.46
CA VAL A 118 -0.55 9.67 -15.56
C VAL A 118 0.86 9.91 -16.07
N SER A 119 1.20 9.31 -17.21
CA SER A 119 2.53 9.44 -17.79
C SER A 119 2.53 9.27 -19.30
N SER A 120 3.62 9.73 -19.92
CA SER A 120 3.79 9.65 -21.37
C SER A 120 4.89 8.64 -21.66
N GLY A 121 5.60 8.23 -20.61
CA GLY A 121 6.67 7.24 -20.74
C GLY A 121 6.31 6.05 -21.64
N GLY A 122 7.24 5.67 -22.50
CA GLY A 122 7.00 4.55 -23.39
C GLY A 122 7.15 3.23 -22.66
N THR A 123 6.60 2.16 -23.24
CA THR A 123 6.71 0.85 -22.62
C THR A 123 8.20 0.57 -22.49
N THR A 124 8.58 -0.10 -21.41
CA THR A 124 9.96 -0.45 -21.16
C THR A 124 10.03 -1.86 -20.62
N PRO A 125 10.67 -2.76 -21.37
CA PRO A 125 10.77 -4.14 -20.88
C PRO A 125 11.68 -4.19 -19.65
N PRO A 126 11.39 -5.12 -18.73
CA PRO A 126 12.21 -5.26 -17.54
C PRO A 126 13.44 -6.08 -17.88
N SER A 127 14.53 -5.84 -17.17
CA SER A 127 15.73 -6.64 -17.39
C SER A 127 15.80 -7.53 -16.17
N VAL A 128 15.67 -8.84 -16.39
CA VAL A 128 15.65 -9.80 -15.31
C VAL A 128 16.99 -10.41 -14.97
N TYR A 129 17.36 -10.35 -13.69
CA TYR A 129 18.62 -10.89 -13.21
C TYR A 129 18.45 -11.94 -12.12
N PRO A 130 19.26 -13.02 -12.19
CA PRO A 130 19.24 -14.14 -11.24
C PRO A 130 19.94 -13.76 -9.94
N LEU A 131 19.30 -14.00 -8.80
CA LEU A 131 19.88 -13.67 -7.52
C LEU A 131 20.40 -14.91 -6.81
N ALA A 132 21.70 -15.13 -6.91
CA ALA A 132 22.36 -16.28 -6.31
C ALA A 132 23.12 -15.94 -5.02
N PRO A 133 23.16 -16.88 -4.08
CA PRO A 133 23.38 -16.59 -2.65
C PRO A 133 24.80 -16.14 -2.21
N GLY A 134 24.86 -15.51 -1.03
CA GLY A 134 25.94 -14.67 -0.54
C GLY A 134 27.20 -15.29 0.11
N SER A 135 27.21 -16.61 0.30
CA SER A 135 28.37 -17.28 0.91
C SER A 135 29.67 -16.95 0.15
N SER A 141 21.36 -23.86 6.27
CA SER A 141 20.42 -25.00 6.24
C SER A 141 19.13 -24.69 5.48
N MET A 142 19.05 -23.46 5.01
CA MET A 142 17.92 -23.01 4.21
C MET A 142 18.55 -21.91 3.38
N VAL A 143 18.49 -22.04 2.05
CA VAL A 143 19.08 -21.03 1.18
C VAL A 143 18.03 -20.19 0.47
N THR A 144 18.35 -18.90 0.37
CA THR A 144 17.47 -17.94 -0.27
C THR A 144 17.97 -17.57 -1.66
N LEU A 145 17.09 -17.67 -2.64
CA LEU A 145 17.42 -17.33 -4.01
C LEU A 145 16.46 -16.24 -4.46
N GLY A 146 16.86 -15.44 -5.44
CA GLY A 146 16.00 -14.38 -5.93
C GLY A 146 16.00 -14.18 -7.43
N CYS A 147 15.30 -13.13 -7.85
CA CYS A 147 15.18 -12.77 -9.25
C CYS A 147 14.89 -11.28 -9.26
N LEU A 148 15.78 -10.50 -9.86
CA LEU A 148 15.59 -9.05 -9.92
C LEU A 148 14.96 -8.60 -11.22
N VAL A 149 13.74 -8.08 -11.14
CA VAL A 149 13.02 -7.56 -12.30
C VAL A 149 13.30 -6.06 -12.32
N LYS A 150 14.21 -5.62 -13.17
CA LYS A 150 14.61 -4.22 -13.18
C LYS A 150 14.17 -3.26 -14.29
N GLY A 151 13.85 -2.04 -13.87
CA GLY A 151 13.45 -0.96 -14.76
C GLY A 151 12.42 -1.15 -15.86
N TYR A 152 11.24 -1.66 -15.51
CA TYR A 152 10.20 -1.85 -16.50
C TYR A 152 9.08 -0.82 -16.28
N PHE A 153 8.31 -0.57 -17.34
CA PHE A 153 7.19 0.35 -17.29
C PHE A 153 6.32 0.08 -18.50
N PRO A 154 5.00 0.02 -18.31
CA PRO A 154 4.38 0.22 -17.00
C PRO A 154 4.24 -1.06 -16.16
N GLU A 155 3.51 -0.94 -15.05
CA GLU A 155 3.00 -2.11 -14.34
C GLU A 155 1.93 -2.82 -15.17
N PRO A 156 1.82 -4.14 -15.02
CA PRO A 156 2.50 -4.88 -13.94
C PRO A 156 3.03 -6.23 -14.42
N VAL A 157 4.02 -6.77 -13.70
CA VAL A 157 4.82 -7.91 -14.16
C VAL A 157 4.71 -9.10 -13.22
N THR A 158 4.50 -10.27 -13.81
CA THR A 158 4.09 -11.46 -13.05
C THR A 158 5.28 -12.36 -12.82
N VAL A 159 5.41 -12.89 -11.62
CA VAL A 159 6.53 -13.78 -11.32
C VAL A 159 6.06 -15.07 -10.71
N THR A 160 6.54 -16.18 -11.28
CA THR A 160 6.23 -17.51 -10.75
C THR A 160 7.56 -18.24 -10.65
N TRP A 161 7.58 -19.34 -9.90
CA TRP A 161 8.80 -20.12 -9.74
C TRP A 161 8.61 -21.55 -10.21
N ASN A 162 9.66 -22.11 -10.76
CA ASN A 162 9.63 -23.48 -11.28
C ASN A 162 8.32 -23.82 -11.99
N SER A 163 7.76 -22.84 -12.70
CA SER A 163 6.53 -23.01 -13.48
C SER A 163 5.27 -23.18 -12.65
N GLY A 164 5.36 -22.89 -11.36
CA GLY A 164 4.21 -23.06 -10.50
C GLY A 164 4.56 -24.15 -9.49
N SER A 165 5.65 -24.88 -9.75
CA SER A 165 6.11 -25.96 -8.86
C SER A 165 6.51 -25.39 -7.51
N LEU A 166 6.91 -24.13 -7.47
CA LEU A 166 7.28 -23.49 -6.21
C LEU A 166 6.05 -22.76 -5.67
N SER A 167 5.69 -23.12 -4.44
CA SER A 167 4.54 -22.55 -3.75
C SER A 167 4.93 -21.65 -2.60
N SER A 168 5.52 -22.25 -1.58
CA SER A 168 5.91 -21.50 -0.41
C SER A 168 7.41 -21.23 -0.41
N GLY A 169 7.83 -20.36 0.50
CA GLY A 169 9.22 -19.97 0.57
C GLY A 169 9.28 -18.80 -0.39
N VAL A 170 8.25 -18.73 -1.23
CA VAL A 170 8.11 -17.71 -2.26
C VAL A 170 7.56 -16.40 -1.75
N HIS A 171 8.20 -15.32 -2.18
CA HIS A 171 7.82 -13.97 -1.78
C HIS A 171 8.06 -12.95 -2.88
N THR A 172 6.99 -12.48 -3.50
CA THR A 172 7.09 -11.47 -4.54
C THR A 172 6.77 -10.11 -3.90
N PHE A 173 7.80 -9.28 -3.75
CA PHE A 173 7.67 -7.98 -3.11
C PHE A 173 6.99 -6.92 -3.95
N PRO A 174 6.35 -5.95 -3.28
CA PRO A 174 5.70 -4.91 -4.08
C PRO A 174 6.78 -4.17 -4.88
N ALA A 175 6.38 -3.43 -5.91
CA ALA A 175 7.33 -2.71 -6.73
C ALA A 175 7.69 -1.35 -6.13
N VAL A 176 8.91 -0.90 -6.38
CA VAL A 176 9.35 0.40 -5.92
C VAL A 176 9.67 1.22 -7.17
N LEU A 177 9.65 2.54 -7.05
CA LEU A 177 9.90 3.39 -8.20
C LEU A 177 11.30 4.01 -8.15
N GLN A 178 12.12 3.69 -9.15
CA GLN A 178 13.48 4.23 -9.27
C GLN A 178 13.64 4.92 -10.61
N SER A 179 13.60 6.26 -10.59
CA SER A 179 13.79 7.05 -11.80
C SER A 179 12.70 6.87 -12.86
N ASP A 180 11.44 7.03 -12.45
CA ASP A 180 10.28 6.94 -13.35
C ASP A 180 10.03 5.56 -13.95
N LEU A 181 10.81 4.57 -13.51
CA LEU A 181 10.67 3.20 -13.97
C LEU A 181 10.49 2.29 -12.76
N TYR A 182 9.80 1.17 -12.93
CA TYR A 182 9.52 0.26 -11.81
C TYR A 182 10.57 -0.83 -11.60
N THR A 183 10.60 -1.40 -10.38
CA THR A 183 11.51 -2.47 -9.99
C THR A 183 10.95 -3.28 -8.82
N LEU A 184 11.01 -4.61 -8.91
CA LEU A 184 10.56 -5.44 -7.81
C LEU A 184 11.47 -6.65 -7.86
N SER A 185 11.09 -7.71 -7.16
CA SER A 185 11.88 -8.92 -7.19
C SER A 185 11.14 -9.98 -6.41
N SER A 186 11.57 -11.23 -6.56
CA SER A 186 10.93 -12.30 -5.83
C SER A 186 11.98 -13.16 -5.16
N SER A 187 11.55 -13.85 -4.11
CA SER A 187 12.46 -14.68 -3.36
C SER A 187 11.87 -16.05 -3.17
N VAL A 188 12.74 -17.02 -2.98
CA VAL A 188 12.32 -18.38 -2.71
C VAL A 188 13.37 -19.03 -1.81
N THR A 189 12.92 -19.43 -0.63
CA THR A 189 13.77 -20.06 0.34
C THR A 189 13.47 -21.55 0.21
N VAL A 190 14.52 -22.35 0.06
CA VAL A 190 14.35 -23.78 -0.10
C VAL A 190 15.37 -24.50 0.73
N PRO A 191 15.04 -25.71 1.20
CA PRO A 191 15.97 -26.52 2.01
C PRO A 191 17.30 -26.56 1.27
N SER A 192 18.43 -26.61 1.97
CA SER A 192 19.69 -26.63 1.25
C SER A 192 19.98 -27.98 0.61
N SER A 193 18.98 -28.85 0.58
CA SER A 193 19.12 -30.18 -0.02
C SER A 193 18.85 -30.16 -1.52
N PRO A 194 17.89 -29.32 -1.97
CA PRO A 194 17.52 -29.19 -3.40
C PRO A 194 18.29 -28.19 -4.25
N TRP A 195 19.12 -27.35 -3.66
CA TRP A 195 19.85 -26.37 -4.44
C TRP A 195 21.34 -26.35 -4.11
N PRO A 196 22.22 -26.34 -5.15
CA PRO A 196 21.92 -26.34 -6.59
C PRO A 196 21.27 -27.62 -7.14
N SER A 197 21.69 -28.75 -6.59
CA SER A 197 21.10 -30.06 -6.90
C SER A 197 20.10 -29.99 -8.04
N GLU A 198 18.85 -29.72 -7.70
CA GLU A 198 17.78 -29.53 -8.68
C GLU A 198 17.65 -28.01 -8.72
N THR A 199 17.38 -27.43 -9.88
CA THR A 199 17.33 -25.99 -9.91
C THR A 199 15.97 -25.34 -9.91
N VAL A 200 15.97 -24.07 -9.57
CA VAL A 200 14.76 -23.28 -9.51
C VAL A 200 14.68 -22.40 -10.75
N THR A 201 13.47 -22.24 -11.28
CA THR A 201 13.26 -21.43 -12.47
C THR A 201 12.26 -20.28 -12.22
N CYS A 202 12.81 -19.08 -12.28
CA CYS A 202 12.09 -17.84 -12.12
C CYS A 202 11.40 -17.52 -13.43
N ASN A 203 10.11 -17.19 -13.38
CA ASN A 203 9.38 -16.88 -14.58
C ASN A 203 8.73 -15.50 -14.52
N VAL A 204 9.27 -14.58 -15.30
CA VAL A 204 8.80 -13.21 -15.34
C VAL A 204 8.06 -12.90 -16.64
N ALA A 205 6.98 -12.13 -16.53
CA ALA A 205 6.22 -11.75 -17.71
C ALA A 205 5.86 -10.28 -17.60
N HIS A 206 5.93 -9.58 -18.70
CA HIS A 206 5.58 -8.16 -18.70
C HIS A 206 4.67 -7.89 -19.90
N PRO A 207 3.35 -7.89 -19.68
CA PRO A 207 2.29 -7.67 -20.67
C PRO A 207 2.47 -6.51 -21.67
N ALA A 208 2.75 -5.32 -21.16
CA ALA A 208 2.90 -4.13 -22.02
C ALA A 208 3.92 -4.33 -23.15
N SER A 209 5.02 -4.99 -22.84
CA SER A 209 6.03 -5.22 -23.85
C SER A 209 5.92 -6.68 -24.32
N SER A 210 4.83 -7.33 -23.92
CA SER A 210 4.58 -8.74 -24.28
C SER A 210 5.91 -9.50 -24.23
N THR A 211 6.45 -9.66 -23.02
CA THR A 211 7.73 -10.31 -22.83
C THR A 211 7.73 -11.22 -21.62
N ALA A 212 8.24 -12.44 -21.82
CA ALA A 212 8.33 -13.40 -20.73
C ALA A 212 9.78 -13.82 -20.72
N VAL A 213 10.38 -13.90 -19.55
CA VAL A 213 11.77 -14.31 -19.43
C VAL A 213 11.94 -15.41 -18.41
N ASP A 214 12.34 -16.59 -18.85
CA ASP A 214 12.55 -17.71 -17.94
C ASP A 214 14.00 -17.69 -17.48
N LYS A 215 14.24 -17.93 -16.19
CA LYS A 215 15.59 -17.90 -15.68
C LYS A 215 15.88 -18.95 -14.60
N ALA A 216 16.92 -19.74 -14.83
CA ALA A 216 17.32 -20.76 -13.87
C ALA A 216 18.43 -20.13 -13.04
N ILE A 217 18.33 -20.32 -11.73
CA ILE A 217 19.33 -19.79 -10.80
C ILE A 217 20.37 -20.86 -10.57
N VAL A 218 21.61 -20.49 -10.80
CA VAL A 218 22.73 -21.42 -10.64
C VAL A 218 23.75 -20.76 -9.73
N PRO A 219 24.74 -21.53 -9.29
CA PRO A 219 25.74 -20.94 -8.40
C PRO A 219 26.97 -20.17 -8.93
N ARG A 220 26.77 -19.11 -9.72
CA ARG A 220 27.96 -18.35 -10.10
C ARG A 220 28.17 -17.37 -8.95
N GLN B 1 -7.15 23.19 5.82
CA GLN B 1 -7.70 24.08 6.86
C GLN B 1 -7.60 23.42 8.21
N ALA B 2 -7.51 22.09 8.16
CA ALA B 2 -7.40 21.30 9.37
C ALA B 2 -6.55 20.11 9.03
N VAL B 3 -5.52 19.91 9.83
CA VAL B 3 -4.66 18.76 9.64
C VAL B 3 -5.20 17.87 10.75
N VAL B 4 -5.61 16.66 10.38
CA VAL B 4 -6.12 15.74 11.39
C VAL B 4 -4.91 14.85 11.65
N THR B 5 -4.61 14.61 12.91
CA THR B 5 -3.44 13.82 13.22
C THR B 5 -3.71 12.66 14.15
N GLN B 6 -3.24 11.48 13.76
CA GLN B 6 -3.43 10.24 14.53
C GLN B 6 -2.09 9.67 14.98
N GLU B 7 -2.15 8.75 15.95
CA GLU B 7 -0.93 8.13 16.46
C GLU B 7 -0.26 7.37 15.34
N SER B 8 1.07 7.44 15.29
CA SER B 8 1.85 6.76 14.24
C SER B 8 1.48 5.29 14.17
N ALA B 9 1.80 4.58 15.24
CA ALA B 9 1.50 3.17 15.32
C ALA B 9 1.30 2.81 16.78
N LEU B 10 0.47 1.79 17.00
CA LEU B 10 0.18 1.32 18.34
C LEU B 10 0.31 -0.19 18.33
N THR B 11 0.59 -0.75 19.49
CA THR B 11 0.70 -2.20 19.60
C THR B 11 -0.07 -2.68 20.83
N THR B 12 -0.96 -3.64 20.64
CA THR B 12 -1.73 -4.19 21.74
C THR B 12 -1.61 -5.73 21.71
N SER B 13 -2.26 -6.40 22.66
CA SER B 13 -2.24 -7.86 22.75
C SER B 13 -3.68 -8.38 22.66
N PRO B 14 -3.87 -9.61 22.13
CA PRO B 14 -5.22 -10.17 22.00
C PRO B 14 -5.92 -10.23 23.34
N GLY B 15 -7.03 -9.53 23.44
CA GLY B 15 -7.78 -9.54 24.68
C GLY B 15 -7.76 -8.22 25.42
N GLU B 16 -7.01 -7.24 24.93
CA GLU B 16 -6.94 -5.97 25.61
C GLU B 16 -7.71 -4.85 24.95
N THR B 17 -7.82 -3.74 25.67
CA THR B 17 -8.52 -2.56 25.16
C THR B 17 -7.47 -1.62 24.68
N VAL B 18 -7.60 -1.18 23.44
CA VAL B 18 -6.64 -0.26 22.88
C VAL B 18 -7.43 0.97 22.43
N THR B 19 -6.83 2.14 22.53
CA THR B 19 -7.52 3.36 22.13
C THR B 19 -6.74 4.18 21.13
N LEU B 20 -7.37 4.44 19.99
CA LEU B 20 -6.76 5.29 18.99
C LEU B 20 -7.42 6.66 19.11
N THR B 21 -6.65 7.73 18.97
CA THR B 21 -7.21 9.08 19.10
C THR B 21 -7.14 9.88 17.81
N CYS B 22 -7.66 11.11 17.85
CA CYS B 22 -7.67 11.95 16.66
C CYS B 22 -7.72 13.44 17.02
N ARG B 23 -6.59 14.12 16.82
CA ARG B 23 -6.48 15.55 17.10
C ARG B 23 -6.85 16.41 15.88
N SER B 24 -7.68 17.42 16.12
CA SER B 24 -8.09 18.37 15.09
C SER B 24 -7.28 19.62 15.41
N SER B 25 -6.84 20.35 14.40
CA SER B 25 -6.03 21.54 14.66
C SER B 25 -6.82 22.85 14.69
N THR B 26 -8.10 22.82 14.34
CA THR B 26 -8.87 24.05 14.41
C THR B 26 -9.12 24.28 15.88
N GLY B 27 -9.32 23.17 16.59
CA GLY B 27 -9.58 23.19 18.01
C GLY B 27 -10.05 21.83 18.51
N ALA B 28 -10.76 21.82 19.62
CA ALA B 28 -11.26 20.57 20.21
C ALA B 28 -12.23 19.87 19.25
N VAL B 29 -12.02 18.56 19.07
CA VAL B 29 -12.92 17.81 18.21
C VAL B 29 -14.28 17.72 18.89
N THR B 30 -15.29 18.19 18.19
CA THR B 30 -16.65 18.22 18.72
C THR B 30 -17.58 17.17 18.09
N THR B 31 -18.87 17.34 18.35
CA THR B 31 -19.91 16.45 17.84
C THR B 31 -20.39 16.89 16.45
N SER B 32 -19.91 18.04 16.00
CA SER B 32 -20.30 18.54 14.67
C SER B 32 -19.17 18.29 13.67
N ASN B 33 -18.17 17.56 14.13
CA ASN B 33 -17.03 17.16 13.31
C ASN B 33 -17.41 15.78 12.78
N TYR B 34 -18.48 15.23 13.37
CA TYR B 34 -19.02 13.94 12.98
C TYR B 34 -17.94 12.90 12.70
N ALA B 35 -16.89 12.89 13.52
CA ALA B 35 -15.76 11.96 13.34
C ALA B 35 -16.13 10.60 12.79
N ASN B 36 -15.43 10.19 11.75
CA ASN B 36 -15.65 8.88 11.14
C ASN B 36 -14.37 8.10 11.32
N TRP B 37 -14.49 6.79 11.51
CA TRP B 37 -13.32 5.92 11.62
C TRP B 37 -13.36 4.86 10.51
N VAL B 38 -12.23 4.62 9.86
CA VAL B 38 -12.15 3.68 8.74
C VAL B 38 -11.01 2.65 8.88
N GLN B 39 -11.34 1.37 8.68
CA GLN B 39 -10.33 0.30 8.80
C GLN B 39 -9.72 -0.09 7.47
N GLU B 40 -8.40 -0.08 7.41
CA GLU B 40 -7.75 -0.47 6.18
C GLU B 40 -6.98 -1.79 6.35
N LYS B 41 -7.26 -2.78 5.51
CA LYS B 41 -6.59 -4.07 5.55
C LYS B 41 -5.89 -4.34 4.21
N PRO B 42 -4.90 -5.23 4.19
CA PRO B 42 -4.16 -5.54 2.95
C PRO B 42 -5.03 -5.77 1.73
N ASP B 43 -4.53 -5.34 0.57
CA ASP B 43 -5.21 -5.44 -0.71
C ASP B 43 -6.31 -4.38 -0.79
N HIS B 44 -6.01 -3.17 -0.31
CA HIS B 44 -6.95 -2.04 -0.30
C HIS B 44 -8.33 -2.33 0.31
N LEU B 45 -8.38 -3.09 1.40
CA LEU B 45 -9.65 -3.45 2.03
C LEU B 45 -10.21 -2.37 2.98
N PHE B 46 -10.88 -1.36 2.43
CA PHE B 46 -11.45 -0.25 3.21
C PHE B 46 -12.87 -0.43 3.76
N THR B 47 -13.00 -0.48 5.08
CA THR B 47 -14.30 -0.67 5.74
C THR B 47 -14.64 0.44 6.73
N GLY B 48 -15.89 0.93 6.68
CA GLY B 48 -16.31 1.96 7.62
C GLY B 48 -16.76 1.30 8.92
N LEU B 49 -16.39 1.85 10.07
CA LEU B 49 -16.75 1.26 11.36
C LEU B 49 -17.64 2.13 12.23
N ILE B 50 -17.28 3.41 12.33
CA ILE B 50 -18.03 4.35 13.15
C ILE B 50 -18.20 5.67 12.40
N GLY B 51 -19.39 6.24 12.55
CA GLY B 51 -19.72 7.50 11.89
C GLY B 51 -20.48 8.39 12.86
N GLY B 52 -20.37 9.70 12.71
CA GLY B 52 -21.05 10.61 13.62
C GLY B 52 -20.56 10.46 15.06
N THR B 53 -19.23 10.34 15.20
CA THR B 53 -18.52 10.18 16.49
C THR B 53 -18.71 8.84 17.21
N ASN B 54 -19.95 8.39 17.35
CA ASN B 54 -20.20 7.14 18.07
C ASN B 54 -21.22 6.18 17.47
N ASN B 55 -21.47 6.31 16.18
CA ASN B 55 -22.44 5.44 15.53
C ASN B 55 -21.73 4.34 14.74
N ARG B 56 -21.87 3.12 15.26
CA ARG B 56 -21.27 1.93 14.68
C ARG B 56 -21.99 1.55 13.39
N ALA B 57 -21.24 1.30 12.32
CA ALA B 57 -21.81 0.91 11.04
C ALA B 57 -22.47 -0.44 11.19
N PRO B 58 -23.59 -0.67 10.51
CA PRO B 58 -24.30 -1.96 10.60
C PRO B 58 -23.38 -3.14 10.29
N GLY B 59 -23.37 -4.13 11.17
CA GLY B 59 -22.55 -5.31 10.97
C GLY B 59 -21.21 -5.30 11.64
N VAL B 60 -20.76 -4.11 12.04
CA VAL B 60 -19.47 -3.96 12.72
C VAL B 60 -19.49 -4.67 14.06
N PRO B 61 -18.43 -5.44 14.37
CA PRO B 61 -18.39 -6.14 15.67
C PRO B 61 -18.63 -5.13 16.80
N ALA B 62 -19.20 -5.59 17.90
CA ALA B 62 -19.50 -4.71 19.03
C ALA B 62 -18.27 -4.21 19.76
N ARG B 63 -17.15 -4.90 19.64
CA ARG B 63 -15.93 -4.49 20.31
C ARG B 63 -15.35 -3.15 19.83
N PHE B 64 -15.96 -2.57 18.79
CA PHE B 64 -15.54 -1.29 18.23
C PHE B 64 -16.52 -0.22 18.65
N SER B 65 -16.02 0.91 19.11
CA SER B 65 -16.89 2.00 19.45
C SER B 65 -16.11 3.29 19.29
N GLY B 66 -16.82 4.37 18.94
CA GLY B 66 -16.20 5.66 18.74
C GLY B 66 -16.68 6.57 19.85
N SER B 67 -15.90 7.58 20.21
CA SER B 67 -16.32 8.48 21.28
C SER B 67 -15.49 9.76 21.25
N LEU B 68 -15.41 10.43 22.39
CA LEU B 68 -14.63 11.66 22.53
C LEU B 68 -13.85 11.59 23.84
N ILE B 69 -12.53 11.69 23.77
CA ILE B 69 -11.69 11.64 24.95
C ILE B 69 -10.98 12.99 25.08
N GLY B 70 -11.60 13.89 25.85
CA GLY B 70 -11.02 15.22 26.02
C GLY B 70 -11.43 16.09 24.84
N ASP B 71 -10.45 16.71 24.20
CA ASP B 71 -10.68 17.57 23.05
C ASP B 71 -10.38 16.83 21.74
N LYS B 72 -10.61 15.51 21.72
CA LYS B 72 -10.35 14.70 20.52
C LYS B 72 -11.41 13.62 20.38
N ALA B 73 -11.40 12.97 19.22
CA ALA B 73 -12.32 11.86 18.95
C ALA B 73 -11.46 10.61 19.16
N ALA B 74 -12.05 9.52 19.63
CA ALA B 74 -11.26 8.32 19.86
C ALA B 74 -11.98 7.04 19.47
N LEU B 75 -11.20 6.05 19.06
CA LEU B 75 -11.74 4.74 18.69
C LEU B 75 -11.29 3.75 19.73
N THR B 76 -12.24 3.04 20.32
CA THR B 76 -11.90 2.05 21.33
C THR B 76 -12.22 0.61 20.91
N ILE B 77 -11.18 -0.23 20.88
CA ILE B 77 -11.36 -1.64 20.55
C ILE B 77 -11.28 -2.42 21.85
N THR B 78 -12.42 -2.88 22.34
CA THR B 78 -12.49 -3.66 23.57
C THR B 78 -12.18 -5.14 23.28
N GLY B 79 -11.22 -5.71 24.01
CA GLY B 79 -10.86 -7.09 23.75
C GLY B 79 -10.42 -7.16 22.30
N GLY B 80 -9.31 -6.48 22.01
CA GLY B 80 -8.78 -6.43 20.66
C GLY B 80 -8.53 -7.80 20.06
N GLN B 81 -9.01 -8.00 18.84
CA GLN B 81 -8.88 -9.28 18.16
C GLN B 81 -7.75 -9.32 17.17
N THR B 82 -7.23 -10.53 16.95
CA THR B 82 -6.11 -10.72 16.06
C THR B 82 -6.39 -10.20 14.66
N GLU B 83 -7.65 -10.21 14.28
CA GLU B 83 -8.08 -9.72 12.96
C GLU B 83 -8.22 -8.19 12.90
N ASP B 84 -8.08 -7.52 14.04
CA ASP B 84 -8.21 -6.06 14.06
C ASP B 84 -6.88 -5.45 13.67
N GLU B 85 -5.86 -6.29 13.54
CA GLU B 85 -4.56 -5.79 13.12
C GLU B 85 -4.77 -5.19 11.72
N ALA B 86 -4.90 -3.87 11.67
CA ALA B 86 -5.11 -3.18 10.42
C ALA B 86 -4.71 -1.74 10.65
N ILE B 87 -4.91 -0.89 9.64
CA ILE B 87 -4.58 0.52 9.78
C ILE B 87 -5.90 1.24 9.92
N TYR B 88 -5.96 2.20 10.85
CA TYR B 88 -7.20 2.94 11.07
C TYR B 88 -7.09 4.43 10.80
N PHE B 89 -7.97 4.90 9.92
CA PHE B 89 -8.02 6.31 9.55
C PHE B 89 -9.09 7.05 10.32
N CYS B 90 -8.88 8.36 10.45
CA CYS B 90 -9.84 9.24 11.12
C CYS B 90 -10.35 10.18 10.03
N ALA B 91 -11.61 10.60 10.15
CA ALA B 91 -12.19 11.51 9.18
C ALA B 91 -13.05 12.52 9.91
N LEU B 92 -12.70 13.79 9.79
CA LEU B 92 -13.43 14.86 10.45
C LEU B 92 -14.09 15.76 9.43
N TRP B 93 -15.35 16.09 9.67
CA TRP B 93 -16.12 16.95 8.80
C TRP B 93 -15.89 18.39 9.23
N TYR B 94 -15.72 19.29 8.27
CA TYR B 94 -15.48 20.69 8.62
C TYR B 94 -16.33 21.67 7.82
N SER B 95 -17.63 21.68 8.09
CA SER B 95 -18.56 22.61 7.42
C SER B 95 -18.86 22.45 5.92
N ASN B 96 -18.29 21.43 5.28
CA ASN B 96 -18.55 21.23 3.86
C ASN B 96 -17.50 20.36 3.19
N HIS B 97 -16.62 19.76 4.00
CA HIS B 97 -15.59 18.88 3.45
C HIS B 97 -14.89 18.09 4.53
N TRP B 98 -14.56 16.84 4.23
CA TRP B 98 -13.89 15.99 5.19
C TRP B 98 -12.40 16.15 5.00
N VAL B 99 -11.67 15.91 6.07
CA VAL B 99 -10.22 15.95 6.07
C VAL B 99 -9.86 14.66 6.78
N PHE B 100 -8.85 13.97 6.27
CA PHE B 100 -8.47 12.71 6.87
C PHE B 100 -7.17 12.84 7.63
N GLY B 101 -6.93 11.87 8.52
CA GLY B 101 -5.73 11.86 9.31
C GLY B 101 -4.71 11.01 8.61
N GLY B 102 -3.54 10.84 9.21
CA GLY B 102 -2.51 10.02 8.59
C GLY B 102 -2.81 8.54 8.66
N GLY B 103 -3.44 8.12 9.75
CA GLY B 103 -3.75 6.72 9.91
C GLY B 103 -2.84 6.12 10.96
N THR B 104 -3.38 5.17 11.72
CA THR B 104 -2.62 4.50 12.76
C THR B 104 -2.52 3.02 12.45
N ALA B 105 -1.29 2.55 12.37
CA ALA B 105 -1.07 1.15 12.11
C ALA B 105 -1.27 0.46 13.45
N LEU B 106 -2.19 -0.50 13.48
CA LEU B 106 -2.44 -1.22 14.70
C LEU B 106 -1.90 -2.64 14.62
N THR B 107 -1.24 -3.06 15.68
CA THR B 107 -0.70 -4.41 15.77
C THR B 107 -1.32 -5.08 16.99
N VAL B 108 -2.08 -6.14 16.77
CA VAL B 108 -2.48 -6.94 17.91
C VAL B 108 -1.70 -8.20 17.78
N LEU B 109 -0.79 -8.44 18.71
CA LEU B 109 0.14 -9.49 18.48
C LEU B 109 -0.84 -10.63 18.34
N GLY B 110 -0.72 -11.28 17.20
CA GLY B 110 -1.41 -12.52 16.88
C GLY B 110 -0.53 -13.75 16.94
N GLN B 111 0.76 -13.52 17.15
CA GLN B 111 1.73 -14.59 17.26
C GLN B 111 3.01 -14.00 17.84
N PRO B 112 3.96 -14.87 18.24
CA PRO B 112 5.23 -14.39 18.80
C PRO B 112 6.02 -13.58 17.77
N LYS B 113 6.65 -12.51 18.23
CA LYS B 113 7.45 -11.66 17.34
C LYS B 113 8.67 -12.42 16.84
N SER B 114 9.01 -12.22 15.59
CA SER B 114 10.19 -12.85 15.06
C SER B 114 11.04 -11.80 14.38
N SER B 115 12.34 -11.99 14.46
CA SER B 115 13.27 -11.06 13.85
C SER B 115 13.24 -11.40 12.37
N PRO B 116 13.68 -10.48 11.51
CA PRO B 116 13.66 -10.82 10.08
C PRO B 116 14.80 -11.75 9.60
N SER B 117 14.53 -12.42 8.49
CA SER B 117 15.51 -13.28 7.84
C SER B 117 16.03 -12.36 6.74
N VAL B 118 17.26 -11.89 6.91
CA VAL B 118 17.84 -11.02 5.93
C VAL B 118 18.77 -11.77 5.02
N THR B 119 18.80 -11.35 3.78
CA THR B 119 19.67 -11.95 2.82
C THR B 119 20.03 -10.83 1.86
N LEU B 120 21.33 -10.71 1.60
CA LEU B 120 21.86 -9.69 0.69
C LEU B 120 22.41 -10.38 -0.55
N PHE B 121 22.05 -9.87 -1.71
CA PHE B 121 22.50 -10.44 -2.97
C PHE B 121 23.41 -9.50 -3.75
N PRO B 122 24.64 -9.94 -4.02
CA PRO B 122 25.52 -9.06 -4.79
C PRO B 122 24.95 -8.93 -6.19
N PRO B 123 25.41 -7.93 -6.96
CA PRO B 123 24.88 -7.81 -8.32
C PRO B 123 25.31 -9.04 -9.13
N SER B 124 24.55 -9.38 -10.17
CA SER B 124 24.87 -10.51 -11.02
C SER B 124 25.80 -10.04 -12.12
N SER B 125 26.69 -10.92 -12.57
CA SER B 125 27.62 -10.58 -13.63
C SER B 125 26.80 -10.05 -14.82
N GLU B 126 25.62 -10.65 -14.99
CA GLU B 126 24.67 -10.30 -16.05
C GLU B 126 24.37 -8.80 -16.05
N GLU B 127 24.06 -8.27 -14.87
CA GLU B 127 23.75 -6.86 -14.74
C GLU B 127 24.97 -5.96 -14.97
N LEU B 128 26.09 -6.30 -14.36
CA LEU B 128 27.28 -5.48 -14.51
C LEU B 128 27.73 -5.23 -15.93
N GLU B 129 27.26 -6.08 -16.85
CA GLU B 129 27.61 -5.94 -18.26
C GLU B 129 26.75 -4.86 -18.92
N THR B 130 26.06 -4.09 -18.10
CA THR B 130 25.22 -3.01 -18.63
C THR B 130 25.66 -1.70 -18.01
N ASN B 131 26.80 -1.76 -17.33
CA ASN B 131 27.41 -0.61 -16.67
C ASN B 131 26.70 -0.15 -15.39
N THR B 132 25.81 -0.97 -14.86
CA THR B 132 25.10 -0.62 -13.62
C THR B 132 25.03 -1.84 -12.68
N ALA B 133 24.95 -1.62 -11.37
CA ALA B 133 24.89 -2.74 -10.42
C ALA B 133 23.85 -2.53 -9.32
N THR B 134 23.04 -3.55 -9.07
CA THR B 134 22.02 -3.44 -8.02
C THR B 134 22.21 -4.45 -6.90
N LEU B 135 22.17 -3.97 -5.67
CA LEU B 135 22.29 -4.82 -4.48
C LEU B 135 20.87 -5.05 -3.99
N VAL B 136 20.54 -6.29 -3.67
CA VAL B 136 19.19 -6.61 -3.22
C VAL B 136 19.15 -7.21 -1.84
N CYS B 137 18.34 -6.60 -0.97
CA CYS B 137 18.17 -7.06 0.40
C CYS B 137 16.74 -7.55 0.64
N THR B 138 16.55 -8.86 0.60
CA THR B 138 15.24 -9.45 0.84
C THR B 138 15.14 -9.55 2.33
N ILE B 139 14.00 -9.10 2.85
CA ILE B 139 13.73 -9.11 4.30
C ILE B 139 12.40 -9.83 4.51
N THR B 140 12.43 -11.00 5.15
CA THR B 140 11.19 -11.75 5.37
C THR B 140 10.95 -12.18 6.81
N ASP B 141 9.73 -12.66 7.06
CA ASP B 141 9.23 -13.18 8.34
C ASP B 141 9.44 -12.38 9.59
N PHE B 142 9.29 -11.06 9.52
CA PHE B 142 9.44 -10.26 10.71
C PHE B 142 8.07 -9.77 11.14
N TYR B 143 7.75 -9.80 12.41
CA TYR B 143 6.55 -9.32 13.08
C TYR B 143 6.71 -8.71 14.51
N PRO B 144 6.32 -7.55 14.66
CA PRO B 144 5.32 -7.00 13.96
C PRO B 144 5.79 -6.54 12.65
N GLY B 145 5.00 -5.83 11.91
CA GLY B 145 5.39 -5.48 10.55
C GLY B 145 6.15 -4.21 10.23
N VAL B 146 7.06 -3.74 11.07
CA VAL B 146 7.80 -2.53 10.72
C VAL B 146 9.27 -2.67 11.00
N VAL B 147 10.09 -2.30 10.00
CA VAL B 147 11.55 -2.39 10.10
C VAL B 147 12.18 -1.19 9.43
N THR B 148 13.43 -0.91 9.77
CA THR B 148 14.15 0.17 9.11
C THR B 148 15.40 -0.43 8.51
N VAL B 149 15.70 -0.06 7.28
CA VAL B 149 16.87 -0.59 6.60
C VAL B 149 17.99 0.42 6.54
N ASP B 150 19.19 -0.02 6.86
CA ASP B 150 20.35 0.85 6.82
C ASP B 150 21.49 0.19 6.03
N TRP B 151 21.91 0.90 4.98
CA TRP B 151 22.96 0.43 4.09
C TRP B 151 24.30 1.08 4.36
N THR B 152 25.35 0.41 3.90
CA THR B 152 26.69 0.96 4.02
C THR B 152 27.59 0.40 2.95
N VAL B 153 28.58 1.20 2.59
CA VAL B 153 29.58 0.81 1.62
C VAL B 153 30.86 1.14 2.35
N ASP B 154 31.72 0.14 2.52
CA ASP B 154 32.97 0.32 3.21
C ASP B 154 32.74 0.89 4.62
N GLY B 155 31.80 0.27 5.34
CA GLY B 155 31.48 0.67 6.69
C GLY B 155 30.78 2.01 6.88
N THR B 156 30.61 2.77 5.80
CA THR B 156 29.99 4.08 5.90
C THR B 156 28.52 4.04 5.56
N PRO B 157 27.75 4.75 6.25
CA PRO B 157 26.42 4.81 5.86
C PRO B 157 26.12 5.43 4.51
N VAL B 158 25.40 4.70 3.67
CA VAL B 158 25.13 5.19 2.32
C VAL B 158 23.70 5.69 2.20
N THR B 159 23.46 6.90 2.31
CA THR B 159 23.26 7.79 1.24
C THR B 159 22.04 7.43 0.34
N GLN B 160 22.22 7.13 -0.89
CA GLN B 160 21.49 7.67 -2.00
C GLN B 160 21.61 6.53 -2.97
N GLY B 161 20.64 6.43 -3.83
CA GLY B 161 20.55 5.32 -4.78
C GLY B 161 19.91 4.15 -4.05
N MET B 162 19.13 4.47 -3.02
CA MET B 162 18.50 3.45 -2.22
C MET B 162 16.98 3.51 -2.25
N GLU B 163 16.32 2.35 -2.28
CA GLU B 163 14.87 2.25 -2.28
C GLU B 163 14.43 1.07 -1.42
N THR B 164 13.44 1.29 -0.58
CA THR B 164 12.95 0.23 0.29
C THR B 164 11.45 0.05 0.09
N THR B 165 10.99 -1.19 -0.03
CA THR B 165 9.56 -1.43 -0.22
C THR B 165 8.85 -1.26 1.13
N GLN B 166 7.58 -0.88 1.07
CA GLN B 166 6.79 -0.75 2.30
C GLN B 166 6.57 -2.19 2.75
N PRO B 167 6.39 -2.40 4.06
CA PRO B 167 6.17 -3.78 4.50
C PRO B 167 5.00 -4.39 3.76
N SER B 168 5.01 -5.70 3.60
CA SER B 168 3.95 -6.39 2.88
C SER B 168 3.66 -7.66 3.68
N LYS B 169 2.39 -7.91 3.95
CA LYS B 169 2.02 -9.07 4.76
C LYS B 169 2.03 -10.40 4.05
N GLN B 170 2.68 -11.39 4.65
CA GLN B 170 2.75 -12.74 4.06
C GLN B 170 1.56 -13.59 4.49
N SER B 171 1.53 -14.82 4.00
CA SER B 171 0.44 -15.73 4.34
C SER B 171 0.50 -16.28 5.77
N ASN B 172 1.68 -16.33 6.37
CA ASN B 172 1.78 -16.84 7.73
C ASN B 172 1.56 -15.72 8.76
N ASN B 173 1.28 -14.53 8.23
CA ASN B 173 0.96 -13.35 9.04
C ASN B 173 2.12 -12.47 9.47
N LYS B 174 3.31 -12.75 8.98
CA LYS B 174 4.43 -11.90 9.33
C LYS B 174 4.60 -10.99 8.14
N TYR B 175 5.64 -10.17 8.11
CA TYR B 175 5.79 -9.29 6.97
C TYR B 175 7.08 -9.46 6.22
N MET B 176 7.06 -8.99 4.98
CA MET B 176 8.22 -9.06 4.12
C MET B 176 8.47 -7.68 3.51
N ALA B 177 9.70 -7.49 3.06
CA ALA B 177 10.09 -6.25 2.43
C ALA B 177 11.46 -6.47 1.80
N SER B 178 11.78 -5.64 0.82
CA SER B 178 13.08 -5.71 0.18
C SER B 178 13.53 -4.28 -0.01
N SER B 179 14.83 -4.10 -0.13
CA SER B 179 15.41 -2.78 -0.28
C SER B 179 16.46 -2.90 -1.35
N TYR B 180 16.73 -1.81 -2.06
CA TYR B 180 17.69 -1.81 -3.16
C TYR B 180 18.75 -0.71 -3.11
N LEU B 181 19.99 -1.08 -3.45
CA LEU B 181 21.06 -0.10 -3.52
C LEU B 181 21.55 -0.11 -4.98
N THR B 182 21.30 0.98 -5.70
CA THR B 182 21.69 1.08 -7.11
C THR B 182 23.01 1.83 -7.28
N LEU B 183 23.95 1.19 -7.96
CA LEU B 183 25.27 1.75 -8.21
C LEU B 183 25.57 1.74 -9.70
N THR B 184 26.58 2.51 -10.08
CA THR B 184 27.07 2.50 -11.45
C THR B 184 27.96 1.25 -11.40
N ALA B 185 28.18 0.58 -12.51
CA ALA B 185 29.00 -0.62 -12.47
C ALA B 185 30.37 -0.34 -11.85
N ALA B 186 30.93 0.83 -12.12
CA ALA B 186 32.24 1.21 -11.59
C ALA B 186 32.23 1.53 -10.10
N ALA B 187 31.14 2.14 -9.63
CA ALA B 187 31.03 2.47 -8.22
C ALA B 187 31.10 1.17 -7.40
N TRP B 188 30.51 0.11 -7.94
CA TRP B 188 30.54 -1.18 -7.28
C TRP B 188 31.94 -1.76 -7.40
N GLU B 189 32.69 -1.30 -8.39
CA GLU B 189 34.04 -1.77 -8.58
C GLU B 189 35.04 -0.94 -7.76
N ARG B 190 34.63 0.27 -7.35
CA ARG B 190 35.52 1.10 -6.55
C ARG B 190 35.54 0.58 -5.11
N HIS B 191 34.35 0.24 -4.62
CA HIS B 191 34.21 -0.20 -3.23
C HIS B 191 34.37 -1.68 -2.95
N SER B 192 34.70 -1.97 -1.69
CA SER B 192 34.94 -3.33 -1.23
C SER B 192 33.88 -3.96 -0.33
N SER B 193 33.44 -3.23 0.69
CA SER B 193 32.46 -3.78 1.64
C SER B 193 31.02 -3.35 1.36
N TYR B 194 30.07 -4.18 1.71
CA TYR B 194 28.65 -3.89 1.51
C TYR B 194 27.84 -4.62 2.54
N SER B 195 27.00 -3.88 3.26
CA SER B 195 26.18 -4.50 4.28
C SER B 195 24.79 -3.91 4.34
N CYS B 196 23.81 -4.79 4.54
CA CYS B 196 22.42 -4.40 4.67
C CYS B 196 22.11 -4.64 6.14
N GLN B 197 21.76 -3.59 6.87
CA GLN B 197 21.39 -3.71 8.27
C GLN B 197 19.88 -3.49 8.33
N VAL B 198 19.19 -4.29 9.13
CA VAL B 198 17.74 -4.16 9.26
C VAL B 198 17.35 -4.11 10.73
N THR B 199 16.84 -2.95 11.17
CA THR B 199 16.42 -2.81 12.57
C THR B 199 14.93 -3.16 12.71
N HIS B 200 14.65 -4.02 13.68
CA HIS B 200 13.31 -4.49 13.98
C HIS B 200 13.11 -4.44 15.50
N GLU B 201 12.64 -3.28 15.97
CA GLU B 201 12.39 -3.07 17.39
C GLU B 201 13.64 -3.01 18.25
N GLY B 202 14.54 -2.09 17.90
CA GLY B 202 15.76 -1.91 18.65
C GLY B 202 16.73 -3.04 18.45
N HIS B 203 16.29 -4.05 17.70
CA HIS B 203 17.16 -5.18 17.43
C HIS B 203 17.56 -5.25 15.96
N THR B 204 18.88 -5.29 15.78
CA THR B 204 19.53 -5.27 14.46
C THR B 204 20.03 -6.59 13.90
N VAL B 205 19.74 -6.81 12.62
CA VAL B 205 20.18 -7.99 11.89
C VAL B 205 20.91 -7.47 10.66
N GLU B 206 22.11 -7.96 10.42
CA GLU B 206 22.90 -7.49 9.29
C GLU B 206 23.52 -8.60 8.44
N LYS B 207 23.71 -8.28 7.17
CA LYS B 207 24.30 -9.19 6.21
C LYS B 207 25.29 -8.39 5.38
N SER B 208 26.55 -8.78 5.49
CA SER B 208 27.65 -8.11 4.78
C SER B 208 28.30 -9.04 3.77
N LEU B 209 28.89 -8.44 2.74
CA LEU B 209 29.60 -9.20 1.73
C LEU B 209 30.80 -8.39 1.25
N SER B 210 31.61 -8.96 0.38
CA SER B 210 32.79 -8.25 -0.12
C SER B 210 33.09 -8.64 -1.56
N ARG B 211 33.29 -7.63 -2.41
CA ARG B 211 33.60 -7.85 -3.81
C ARG B 211 35.10 -8.17 -3.90
N PRO C 1 -19.80 20.80 9.77
CA PRO C 1 -21.23 20.65 10.15
C PRO C 1 -22.18 21.04 8.99
N PRO C 2 -22.70 20.02 8.27
CA PRO C 2 -23.60 19.96 7.12
C PRO C 2 -23.45 20.82 5.85
N TYR C 3 -24.51 20.85 5.04
CA TYR C 3 -24.51 21.57 3.77
C TYR C 3 -25.69 21.33 2.79
N PRO C 4 -26.44 20.23 2.95
CA PRO C 4 -27.51 20.09 1.97
C PRO C 4 -28.95 19.74 2.41
N ALA C 5 -29.32 18.46 2.21
CA ALA C 5 -30.66 17.96 2.51
C ALA C 5 -30.68 16.63 3.28
N TRP C 6 -29.51 16.08 3.61
CA TRP C 6 -29.46 14.83 4.34
C TRP C 6 -30.17 14.96 5.70
#